data_5IUC
#
_entry.id   5IUC
#
_cell.length_a   67.670
_cell.length_b   66.547
_cell.length_c   55.854
_cell.angle_alpha   90.000
_cell.angle_beta   90.000
_cell.angle_gamma   90.000
#
_symmetry.space_group_name_H-M   'P 21 21 2'
#
loop_
_entity.id
_entity.type
_entity.pdbx_description
1 polymer 'Platelet binding protein GspB'
2 branched 'N-acetyl-alpha-neuraminic acid-(2-3)-beta-D-galactopyranose-(1-3)-2-acetamido-2-deoxy-alpha-D-galactopyranose'
3 non-polymer 'MAGNESIUM ION'
4 water water
#
_entity_poly.entity_id   1
_entity_poly.type   'polypeptide(L)'
_entity_poly.pdbx_seq_one_letter_code
;GPGSDTERPVVNVPSEITVYRGESFEYFATVTDNSNAFDLAKTVVRWLYSNQPGRGTEWLQYSVTQVGNQLKVRIFGNVP
IDTTIGDYTRYVVATDAAGNVNATQTEMGNAAVDKTSVNGQFKLIIR
;
_entity_poly.pdbx_strand_id   A,B
#
# COMPACT_ATOMS: atom_id res chain seq x y z
N ASP A 5 -15.27 -8.91 13.88
CA ASP A 5 -14.35 -8.29 12.93
C ASP A 5 -13.54 -7.22 13.67
N THR A 6 -12.27 -7.53 13.88
CA THR A 6 -11.30 -6.54 14.35
CA THR A 6 -11.29 -6.55 14.36
C THR A 6 -10.32 -6.23 13.21
N GLU A 7 -10.38 -7.00 12.14
CA GLU A 7 -9.47 -6.83 11.02
C GLU A 7 -9.99 -5.72 10.11
N ARG A 8 -9.06 -4.82 9.76
CA ARG A 8 -9.39 -3.67 8.95
C ARG A 8 -9.59 -4.03 7.47
N PRO A 9 -10.41 -3.23 6.80
CA PRO A 9 -10.51 -3.37 5.33
C PRO A 9 -9.23 -2.93 4.64
N VAL A 10 -9.02 -3.42 3.43
CA VAL A 10 -7.82 -3.11 2.65
C VAL A 10 -8.21 -2.44 1.32
N VAL A 11 -7.69 -1.24 1.09
CA VAL A 11 -7.92 -0.53 -0.16
C VAL A 11 -6.79 -0.87 -1.11
N ASN A 12 -7.13 -1.10 -2.37
CA ASN A 12 -6.18 -1.18 -3.45
C ASN A 12 -6.43 0.00 -4.35
N VAL A 13 -5.52 0.96 -4.34
CA VAL A 13 -5.63 2.16 -5.16
C VAL A 13 -4.27 2.39 -5.77
N PRO A 14 -4.20 2.83 -7.04
CA PRO A 14 -2.88 3.13 -7.61
C PRO A 14 -2.19 4.19 -6.76
N SER A 15 -0.88 4.10 -6.61
CA SER A 15 -0.18 5.06 -5.77
C SER A 15 -0.17 6.47 -6.35
N GLU A 16 -0.29 6.57 -7.67
CA GLU A 16 -0.38 7.85 -8.38
C GLU A 16 -1.50 7.79 -9.38
N ILE A 17 -2.29 8.84 -9.48
CA ILE A 17 -3.27 8.96 -10.56
C ILE A 17 -3.12 10.35 -11.15
N THR A 18 -3.12 10.42 -12.47
CA THR A 18 -2.80 11.65 -13.17
C THR A 18 -4.03 12.18 -13.86
N VAL A 19 -4.27 13.46 -13.67
CA VAL A 19 -5.40 14.18 -14.26
C VAL A 19 -4.86 15.45 -14.98
N TYR A 20 -5.68 16.04 -15.82
CA TYR A 20 -5.28 17.10 -16.73
C TYR A 20 -6.22 18.27 -16.69
N ARG A 21 -5.68 19.48 -16.60
CA ARG A 21 -6.47 20.67 -16.63
C ARG A 21 -7.37 20.70 -17.86
N GLY A 22 -8.66 20.96 -17.62
CA GLY A 22 -9.62 21.05 -18.69
C GLY A 22 -10.29 19.74 -19.06
N GLU A 23 -9.85 18.62 -18.51
CA GLU A 23 -10.37 17.31 -18.90
C GLU A 23 -11.08 16.58 -17.76
N SER A 24 -12.00 15.70 -18.16
CA SER A 24 -12.63 14.77 -17.23
CA SER A 24 -12.63 14.77 -17.22
C SER A 24 -11.74 13.57 -17.01
N PHE A 25 -11.84 12.95 -15.84
CA PHE A 25 -11.05 11.78 -15.51
C PHE A 25 -11.90 10.78 -14.76
N GLU A 26 -11.41 9.54 -14.75
CA GLU A 26 -12.02 8.46 -13.97
C GLU A 26 -10.96 7.46 -13.63
N TYR A 27 -10.84 7.13 -12.35
CA TYR A 27 -9.98 6.07 -11.86
C TYR A 27 -10.77 5.29 -10.80
N PHE A 28 -10.26 4.13 -10.44
CA PHE A 28 -10.93 3.30 -9.41
C PHE A 28 -10.01 2.82 -8.34
N ALA A 29 -10.56 2.71 -7.14
CA ALA A 29 -9.96 1.91 -6.09
C ALA A 29 -10.90 0.76 -5.78
N THR A 30 -10.34 -0.32 -5.28
CA THR A 30 -11.17 -1.43 -4.84
C THR A 30 -10.90 -1.71 -3.38
N VAL A 31 -11.89 -2.30 -2.72
CA VAL A 31 -11.77 -2.55 -1.26
C VAL A 31 -12.24 -3.97 -0.95
N THR A 32 -11.45 -4.70 -0.16
CA THR A 32 -11.84 -5.98 0.41
C THR A 32 -11.86 -5.88 1.94
N ASP A 33 -12.55 -6.81 2.57
CA ASP A 33 -12.51 -6.97 4.02
C ASP A 33 -12.72 -8.42 4.33
N ASN A 34 -12.06 -8.92 5.36
CA ASN A 34 -12.26 -10.29 5.84
C ASN A 34 -13.73 -10.65 6.04
N SER A 35 -14.54 -9.69 6.45
CA SER A 35 -15.96 -9.91 6.73
C SER A 35 -16.84 -9.85 5.49
N ASN A 36 -16.27 -9.37 4.39
CA ASN A 36 -16.99 -9.12 3.15
C ASN A 36 -18.18 -8.19 3.31
N ALA A 37 -18.18 -7.38 4.36
CA ALA A 37 -19.28 -6.46 4.65
C ALA A 37 -18.75 -5.08 5.02
N PHE A 38 -19.45 -4.03 4.57
CA PHE A 38 -18.92 -2.67 4.59
C PHE A 38 -19.90 -1.65 5.09
N ASP A 39 -19.39 -0.52 5.53
CA ASP A 39 -20.21 0.68 5.71
C ASP A 39 -19.91 1.64 4.57
N LEU A 40 -20.76 1.67 3.56
CA LEU A 40 -20.49 2.46 2.36
C LEU A 40 -20.57 3.94 2.63
N ALA A 41 -21.44 4.34 3.56
CA ALA A 41 -21.62 5.75 3.87
C ALA A 41 -20.35 6.32 4.49
N LYS A 42 -19.57 5.49 5.14
CA LYS A 42 -18.33 5.92 5.80
C LYS A 42 -17.07 5.54 5.01
N THR A 43 -17.28 5.26 3.73
CA THR A 43 -16.20 5.03 2.77
C THR A 43 -16.14 6.27 1.88
N VAL A 44 -14.99 6.96 1.91
CA VAL A 44 -14.88 8.30 1.34
C VAL A 44 -13.52 8.49 0.62
N VAL A 45 -13.43 9.55 -0.17
CA VAL A 45 -12.15 10.04 -0.71
C VAL A 45 -11.99 11.45 -0.19
N ARG A 46 -10.87 11.73 0.47
CA ARG A 46 -10.71 12.98 1.20
C ARG A 46 -9.27 13.44 1.29
N TRP A 47 -9.07 14.69 1.67
CA TRP A 47 -7.76 15.15 2.11
C TRP A 47 -7.52 14.92 3.58
N LEU A 48 -6.35 15.32 4.04
CA LEU A 48 -5.95 15.06 5.42
C LEU A 48 -6.85 15.67 6.48
N TYR A 49 -7.22 16.94 6.31
CA TYR A 49 -7.66 17.74 7.46
C TYR A 49 -9.10 17.52 7.86
N SER A 50 -9.92 17.02 6.95
CA SER A 50 -11.35 16.87 7.18
CA SER A 50 -11.34 16.86 7.19
C SER A 50 -11.90 15.94 6.13
N ASN A 51 -13.14 15.50 6.33
CA ASN A 51 -13.82 14.66 5.37
C ASN A 51 -14.37 15.55 4.27
N GLN A 52 -13.46 16.05 3.45
CA GLN A 52 -13.75 16.92 2.31
C GLN A 52 -12.75 16.62 1.21
N PRO A 53 -13.05 17.03 -0.02
CA PRO A 53 -12.14 16.71 -1.13
C PRO A 53 -10.82 17.47 -1.09
N GLY A 54 -10.82 18.63 -0.46
CA GLY A 54 -9.63 19.41 -0.19
C GLY A 54 -9.50 20.67 -1.01
N ARG A 55 -8.86 21.67 -0.38
CA ARG A 55 -8.55 22.92 -1.06
C ARG A 55 -7.74 22.71 -2.31
N GLY A 56 -8.16 23.33 -3.38
CA GLY A 56 -7.45 23.17 -4.64
C GLY A 56 -7.95 21.98 -5.44
N THR A 57 -8.71 21.09 -4.80
CA THR A 57 -9.25 19.89 -5.46
C THR A 57 -10.72 19.70 -5.09
N GLU A 58 -11.45 20.81 -5.02
CA GLU A 58 -12.84 20.74 -4.56
C GLU A 58 -13.75 20.00 -5.51
N TRP A 59 -13.30 19.88 -6.75
CA TRP A 59 -13.97 19.19 -7.85
C TRP A 59 -13.68 17.69 -7.88
N LEU A 60 -12.88 17.17 -6.94
CA LEU A 60 -12.61 15.75 -6.88
C LEU A 60 -13.84 15.04 -6.35
N GLN A 61 -14.49 14.20 -7.15
CA GLN A 61 -15.69 13.49 -6.78
C GLN A 61 -15.41 12.02 -6.59
N TYR A 62 -16.29 11.36 -5.85
CA TYR A 62 -16.20 9.90 -5.74
C TYR A 62 -17.58 9.29 -5.55
N SER A 63 -17.66 7.99 -5.83
CA SER A 63 -18.85 7.21 -5.49
CA SER A 63 -18.84 7.21 -5.53
C SER A 63 -18.37 5.85 -5.02
N VAL A 64 -19.22 5.16 -4.28
CA VAL A 64 -18.90 3.86 -3.69
C VAL A 64 -20.02 2.91 -4.06
N THR A 65 -19.68 1.78 -4.66
CA THR A 65 -20.66 0.77 -5.07
C THR A 65 -20.15 -0.60 -4.67
N GLN A 66 -20.97 -1.41 -4.02
CA GLN A 66 -20.58 -2.76 -3.71
C GLN A 66 -20.91 -3.67 -4.90
N VAL A 67 -19.95 -4.50 -5.29
CA VAL A 67 -20.16 -5.53 -6.30
C VAL A 67 -19.57 -6.80 -5.72
N GLY A 68 -20.42 -7.81 -5.48
CA GLY A 68 -19.97 -8.99 -4.77
C GLY A 68 -19.40 -8.60 -3.41
N ASN A 69 -18.26 -9.17 -3.11
CA ASN A 69 -17.59 -8.90 -1.83
C ASN A 69 -16.62 -7.72 -1.85
N GLN A 70 -16.65 -6.90 -2.89
CA GLN A 70 -15.76 -5.75 -2.96
C GLN A 70 -16.52 -4.46 -3.04
N LEU A 71 -15.87 -3.39 -2.58
CA LEU A 71 -16.32 -2.07 -2.96
C LEU A 71 -15.52 -1.56 -4.15
N LYS A 72 -16.22 -0.85 -5.03
CA LYS A 72 -15.66 -0.14 -6.17
C LYS A 72 -15.81 1.32 -5.87
N VAL A 73 -14.69 1.99 -5.70
CA VAL A 73 -14.68 3.42 -5.42
C VAL A 73 -14.28 4.14 -6.69
N ARG A 74 -15.21 4.83 -7.31
CA ARG A 74 -14.95 5.59 -8.51
C ARG A 74 -14.45 6.95 -8.09
N ILE A 75 -13.33 7.37 -8.66
CA ILE A 75 -12.70 8.66 -8.35
C ILE A 75 -12.74 9.43 -9.66
N PHE A 76 -13.44 10.55 -9.71
CA PHE A 76 -13.75 11.15 -11.00
C PHE A 76 -14.00 12.64 -10.87
N GLY A 77 -14.12 13.28 -12.01
CA GLY A 77 -14.44 14.69 -12.05
C GLY A 77 -13.96 15.40 -13.27
N ASN A 78 -14.09 16.72 -13.25
CA ASN A 78 -13.59 17.61 -14.29
CA ASN A 78 -13.58 17.57 -14.29
C ASN A 78 -12.59 18.54 -13.67
N VAL A 79 -11.38 18.62 -14.22
CA VAL A 79 -10.35 19.48 -13.65
C VAL A 79 -10.50 20.85 -14.28
N PRO A 80 -10.70 21.89 -13.47
CA PRO A 80 -10.76 23.24 -14.06
C PRO A 80 -9.48 23.62 -14.77
N ILE A 81 -9.61 24.38 -15.85
CA ILE A 81 -8.46 24.68 -16.71
C ILE A 81 -7.38 25.50 -15.98
N ASP A 82 -7.75 26.19 -14.91
CA ASP A 82 -6.84 27.08 -14.20
C ASP A 82 -6.41 26.57 -12.82
N THR A 83 -6.65 25.29 -12.58
CA THR A 83 -6.17 24.63 -11.39
C THR A 83 -4.65 24.69 -11.34
N THR A 84 -4.10 24.71 -10.13
CA THR A 84 -2.66 24.72 -9.96
C THR A 84 -2.07 23.34 -10.22
N ILE A 85 -1.10 23.22 -11.12
CA ILE A 85 -0.53 21.92 -11.37
C ILE A 85 0.37 21.47 -10.23
N GLY A 86 0.59 20.18 -10.12
CA GLY A 86 1.40 19.64 -9.05
C GLY A 86 0.76 18.41 -8.42
N ASP A 87 1.22 18.10 -7.22
CA ASP A 87 0.86 16.87 -6.54
C ASP A 87 -0.05 17.15 -5.37
N TYR A 88 -1.03 16.29 -5.15
CA TYR A 88 -1.98 16.45 -4.05
C TYR A 88 -2.16 15.09 -3.37
N THR A 89 -1.73 14.94 -2.14
CA THR A 89 -1.93 13.69 -1.41
C THR A 89 -3.37 13.59 -0.93
N ARG A 90 -4.04 12.49 -1.29
CA ARG A 90 -5.41 12.26 -0.90
C ARG A 90 -5.54 10.81 -0.41
N TYR A 91 -6.73 10.47 0.09
CA TYR A 91 -6.92 9.22 0.82
C TYR A 91 -8.25 8.59 0.46
N VAL A 92 -8.20 7.29 0.20
CA VAL A 92 -9.40 6.48 0.17
C VAL A 92 -9.50 5.84 1.54
N VAL A 93 -10.57 6.17 2.24
CA VAL A 93 -10.85 5.61 3.56
C VAL A 93 -12.04 4.70 3.43
N ALA A 94 -11.88 3.47 3.85
CA ALA A 94 -12.97 2.50 3.85
C ALA A 94 -13.25 2.04 5.27
N THR A 95 -14.51 1.71 5.47
CA THR A 95 -15.00 1.25 6.77
C THR A 95 -15.76 -0.08 6.58
N ASP A 96 -15.37 -1.10 7.34
CA ASP A 96 -16.07 -2.38 7.29
C ASP A 96 -17.35 -2.29 8.12
N ALA A 97 -18.18 -3.33 8.05
CA ALA A 97 -19.47 -3.29 8.72
C ALA A 97 -19.33 -3.15 10.24
N ALA A 98 -18.25 -3.68 10.78
CA ALA A 98 -17.94 -3.61 12.23
C ALA A 98 -17.35 -2.27 12.65
N GLY A 99 -17.11 -1.37 11.69
CA GLY A 99 -16.57 -0.06 11.98
C GLY A 99 -15.06 0.10 11.93
N ASN A 100 -14.33 -0.96 11.62
CA ASN A 100 -12.88 -0.86 11.41
C ASN A 100 -12.58 -0.04 10.15
N VAL A 101 -11.56 0.82 10.21
CA VAL A 101 -11.18 1.63 9.07
C VAL A 101 -9.77 1.27 8.67
N ASN A 102 -9.48 1.41 7.39
CA ASN A 102 -8.12 1.16 6.93
C ASN A 102 -7.12 2.19 7.48
N ALA A 103 -7.54 3.44 7.62
CA ALA A 103 -6.67 4.51 8.15
C ALA A 103 -7.51 5.56 8.83
N THR A 104 -6.99 6.00 9.97
CA THR A 104 -7.59 7.13 10.70
C THR A 104 -6.89 8.44 10.37
N GLN A 105 -7.53 9.58 10.65
CA GLN A 105 -6.93 10.88 10.40
C GLN A 105 -5.60 11.01 11.19
N THR A 106 -5.55 10.45 12.39
CA THR A 106 -4.35 10.53 13.21
C THR A 106 -3.23 9.73 12.56
N GLU A 107 -3.54 8.51 12.07
CA GLU A 107 -2.56 7.72 11.33
C GLU A 107 -2.09 8.45 10.07
N MET A 108 -3.01 9.11 9.36
CA MET A 108 -2.63 9.87 8.19
CA MET A 108 -2.61 9.88 8.19
C MET A 108 -1.64 10.98 8.56
N GLY A 109 -1.91 11.68 9.64
CA GLY A 109 -1.08 12.83 10.01
C GLY A 109 0.31 12.39 10.46
N ASN A 110 0.33 11.32 11.22
CA ASN A 110 1.62 10.81 11.63
C ASN A 110 2.46 10.33 10.47
N ALA A 111 1.84 9.69 9.49
CA ALA A 111 2.54 9.29 8.30
C ALA A 111 3.07 10.51 7.55
N ALA A 112 2.28 11.58 7.52
CA ALA A 112 2.70 12.79 6.80
C ALA A 112 3.95 13.41 7.43
N VAL A 113 3.96 13.51 8.75
CA VAL A 113 5.15 14.05 9.44
C VAL A 113 6.38 13.22 9.12
N ASP A 114 6.21 11.90 9.14
CA ASP A 114 7.29 10.91 9.06
C ASP A 114 7.65 10.58 7.59
N LYS A 115 7.01 11.28 6.65
CA LYS A 115 7.27 11.13 5.21
CA LYS A 115 7.28 11.14 5.21
C LYS A 115 6.97 9.74 4.68
N THR A 116 5.82 9.21 5.08
CA THR A 116 5.47 7.87 4.69
C THR A 116 4.00 7.81 4.34
N SER A 117 3.42 6.62 4.34
CA SER A 117 2.09 6.44 3.77
C SER A 117 1.27 5.50 4.61
N VAL A 118 -0.03 5.59 4.44
CA VAL A 118 -1.00 4.66 4.96
C VAL A 118 -1.70 3.96 3.80
N ASN A 119 -2.34 2.83 4.11
CA ASN A 119 -3.17 2.13 3.13
C ASN A 119 -4.25 3.07 2.64
N GLY A 120 -4.42 3.12 1.32
CA GLY A 120 -5.41 3.96 0.67
C GLY A 120 -4.94 5.37 0.31
N GLN A 121 -3.74 5.73 0.74
CA GLN A 121 -3.17 7.01 0.35
C GLN A 121 -2.74 6.96 -1.10
N PHE A 122 -2.95 8.05 -1.84
CA PHE A 122 -2.49 8.15 -3.22
C PHE A 122 -2.12 9.59 -3.51
N LYS A 123 -1.36 9.73 -4.56
CA LYS A 123 -0.92 11.02 -5.07
C LYS A 123 -1.74 11.37 -6.29
N LEU A 124 -2.51 12.44 -6.23
CA LEU A 124 -3.23 13.01 -7.38
C LEU A 124 -2.27 13.99 -8.05
N ILE A 125 -1.87 13.68 -9.26
CA ILE A 125 -0.95 14.50 -10.03
C ILE A 125 -1.75 15.26 -11.06
N ILE A 126 -1.66 16.59 -10.99
CA ILE A 126 -2.33 17.45 -11.95
C ILE A 126 -1.32 18.01 -12.93
N ARG A 127 -1.57 17.76 -14.21
CA ARG A 127 -0.76 18.30 -15.30
CA ARG A 127 -0.76 18.31 -15.30
C ARG A 127 -1.55 19.32 -16.13
N ASP B 5 18.63 13.49 -1.10
CA ASP B 5 17.52 12.55 -0.98
C ASP B 5 17.18 12.38 0.51
N THR B 6 16.04 12.93 0.91
CA THR B 6 15.40 12.57 2.16
C THR B 6 14.02 11.90 1.90
N GLU B 7 13.65 11.76 0.62
CA GLU B 7 12.40 11.08 0.24
C GLU B 7 12.61 9.56 0.19
N ARG B 8 11.68 8.84 0.81
CA ARG B 8 11.81 7.40 0.97
C ARG B 8 11.48 6.66 -0.32
N PRO B 9 12.12 5.48 -0.49
CA PRO B 9 11.71 4.64 -1.62
C PRO B 9 10.32 4.07 -1.39
N VAL B 10 9.69 3.65 -2.48
CA VAL B 10 8.31 3.16 -2.49
C VAL B 10 8.29 1.75 -3.09
N VAL B 11 7.80 0.78 -2.32
CA VAL B 11 7.62 -0.57 -2.80
C VAL B 11 6.22 -0.77 -3.36
N ASN B 12 6.12 -1.46 -4.48
CA ASN B 12 4.85 -1.96 -4.97
C ASN B 12 4.90 -3.47 -4.92
N VAL B 13 4.17 -4.07 -3.97
CA VAL B 13 4.12 -5.50 -3.81
C VAL B 13 2.64 -5.88 -3.69
N PRO B 14 2.24 -7.01 -4.30
CA PRO B 14 0.84 -7.42 -4.13
C PRO B 14 0.51 -7.59 -2.64
N SER B 15 -0.72 -7.29 -2.22
CA SER B 15 -1.04 -7.35 -0.80
C SER B 15 -1.03 -8.79 -0.29
N GLU B 16 -1.25 -9.74 -1.18
CA GLU B 16 -1.24 -11.16 -0.85
C GLU B 16 -0.52 -11.92 -1.93
N ILE B 17 0.25 -12.94 -1.54
CA ILE B 17 0.84 -13.86 -2.50
C ILE B 17 0.63 -15.27 -1.97
N THR B 18 0.31 -16.22 -2.82
CA THR B 18 -0.05 -17.57 -2.40
C THR B 18 0.94 -18.60 -2.88
N VAL B 19 1.36 -19.45 -1.96
CA VAL B 19 2.32 -20.51 -2.26
C VAL B 19 1.71 -21.84 -1.78
N TYR B 20 2.30 -22.93 -2.23
CA TYR B 20 1.71 -24.27 -2.05
C TYR B 20 2.73 -25.25 -1.56
N ARG B 21 2.37 -26.00 -0.53
CA ARG B 21 3.25 -27.04 -0.01
C ARG B 21 3.72 -27.99 -1.11
N GLY B 22 5.03 -28.20 -1.14
CA GLY B 22 5.68 -29.07 -2.10
C GLY B 22 6.07 -28.42 -3.43
N GLU B 23 5.71 -27.15 -3.64
CA GLU B 23 5.90 -26.48 -4.91
C GLU B 23 6.84 -25.28 -4.83
N SER B 24 7.48 -24.99 -5.94
CA SER B 24 8.28 -23.78 -6.10
CA SER B 24 8.29 -23.78 -6.09
C SER B 24 7.36 -22.62 -6.46
N PHE B 25 7.75 -21.41 -6.09
CA PHE B 25 6.96 -20.22 -6.35
C PHE B 25 7.89 -19.06 -6.72
N GLU B 26 7.30 -18.07 -7.38
CA GLU B 26 7.98 -16.84 -7.70
C GLU B 26 6.98 -15.72 -7.79
N TYR B 27 7.22 -14.64 -7.08
CA TYR B 27 6.46 -13.41 -7.18
C TYR B 27 7.46 -12.25 -7.19
N PHE B 28 6.97 -11.07 -7.49
CA PHE B 28 7.82 -9.89 -7.60
C PHE B 28 7.25 -8.69 -6.88
N ALA B 29 8.13 -7.89 -6.30
CA ALA B 29 7.84 -6.53 -5.91
C ALA B 29 8.73 -5.61 -6.71
N THR B 30 8.27 -4.40 -6.94
CA THR B 30 9.11 -3.39 -7.59
C THR B 30 9.36 -2.25 -6.62
N VAL B 31 10.44 -1.51 -6.82
CA VAL B 31 10.79 -0.38 -5.96
C VAL B 31 11.17 0.79 -6.85
N THR B 32 10.64 1.96 -6.52
CA THR B 32 11.08 3.22 -7.11
C THR B 32 11.67 4.13 -6.02
N ASP B 33 12.43 5.13 -6.47
CA ASP B 33 12.89 6.17 -5.57
C ASP B 33 13.14 7.39 -6.40
N ASN B 34 12.84 8.53 -5.82
CA ASN B 34 13.06 9.82 -6.47
C ASN B 34 14.49 10.01 -6.97
N SER B 35 15.44 9.46 -6.26
CA SER B 35 16.83 9.62 -6.67
C SER B 35 17.28 8.67 -7.78
N ASN B 36 16.48 7.64 -8.06
CA ASN B 36 16.84 6.58 -9.00
C ASN B 36 18.12 5.87 -8.61
N ALA B 37 18.47 5.88 -7.34
CA ALA B 37 19.65 5.19 -6.87
C ALA B 37 19.35 4.50 -5.55
N PHE B 38 19.81 3.28 -5.45
CA PHE B 38 19.39 2.40 -4.37
C PHE B 38 20.54 1.78 -3.62
N ASP B 39 20.27 1.25 -2.45
CA ASP B 39 21.20 0.40 -1.74
C ASP B 39 20.66 -1.03 -1.82
N LEU B 40 21.13 -1.76 -2.82
CA LEU B 40 20.59 -3.09 -3.08
C LEU B 40 20.87 -4.04 -1.92
N ALA B 41 22.04 -3.90 -1.27
CA ALA B 41 22.41 -4.81 -0.19
C ALA B 41 21.50 -4.64 1.02
N LYS B 42 20.92 -3.46 1.17
CA LYS B 42 20.02 -3.16 2.30
C LYS B 42 18.54 -3.20 1.88
N THR B 43 18.27 -3.86 0.77
CA THR B 43 16.89 -4.09 0.34
C THR B 43 16.63 -5.56 0.53
N VAL B 44 15.65 -5.89 1.36
CA VAL B 44 15.47 -7.25 1.86
C VAL B 44 13.99 -7.66 1.90
N VAL B 45 13.73 -8.96 2.03
CA VAL B 45 12.42 -9.45 2.36
C VAL B 45 12.58 -10.17 3.69
N ARG B 46 11.74 -9.83 4.66
CA ARG B 46 11.95 -10.30 6.03
C ARG B 46 10.65 -10.31 6.84
N TRP B 47 10.68 -10.98 7.98
CA TRP B 47 9.62 -10.87 8.97
C TRP B 47 9.86 -9.69 9.90
N LEU B 48 8.93 -9.52 10.83
CA LEU B 48 8.94 -8.36 11.69
C LEU B 48 10.19 -8.19 12.54
N TYR B 49 10.64 -9.28 13.15
CA TYR B 49 11.51 -9.12 14.34
C TYR B 49 12.95 -8.83 14.00
N SER B 50 13.39 -9.27 12.85
CA SER B 50 14.78 -9.21 12.48
C SER B 50 14.93 -9.38 10.98
N ASN B 51 16.13 -9.18 10.49
CA ASN B 51 16.40 -9.30 9.09
C ASN B 51 16.65 -10.77 8.78
N GLN B 52 15.57 -11.52 8.80
CA GLN B 52 15.57 -12.96 8.55
CA GLN B 52 15.56 -12.96 8.55
C GLN B 52 14.23 -13.29 7.90
N PRO B 53 14.13 -14.45 7.23
CA PRO B 53 12.88 -14.79 6.54
C PRO B 53 11.74 -15.17 7.49
N GLY B 54 12.04 -15.67 8.69
CA GLY B 54 11.04 -15.87 9.71
C GLY B 54 10.78 -17.31 10.08
N ARG B 55 10.39 -17.50 11.34
N ARG B 55 10.39 -17.49 11.34
CA ARG B 55 10.08 -18.81 11.87
CA ARG B 55 10.02 -18.79 11.88
C ARG B 55 8.93 -19.46 11.12
C ARG B 55 8.91 -19.45 11.09
N GLY B 56 9.13 -20.68 10.64
CA GLY B 56 8.14 -21.36 9.83
C GLY B 56 8.24 -21.06 8.34
N THR B 57 8.99 -20.02 7.95
CA THR B 57 9.16 -19.63 6.54
C THR B 57 10.63 -19.41 6.25
N GLU B 58 11.47 -20.30 6.77
CA GLU B 58 12.91 -20.12 6.66
C GLU B 58 13.40 -20.30 5.21
N TRP B 59 12.54 -20.90 4.41
CA TRP B 59 12.77 -21.19 2.99
C TRP B 59 12.34 -20.04 2.09
N LEU B 60 11.87 -18.94 2.65
CA LEU B 60 11.44 -17.80 1.84
C LEU B 60 12.69 -17.07 1.39
N GLN B 61 12.95 -17.02 0.09
CA GLN B 61 14.14 -16.42 -0.48
C GLN B 61 13.78 -15.15 -1.23
N TYR B 62 14.80 -14.32 -1.48
CA TYR B 62 14.63 -13.15 -2.31
C TYR B 62 15.90 -12.80 -3.04
N SER B 63 15.80 -12.04 -4.10
CA SER B 63 16.96 -11.43 -4.75
C SER B 63 16.53 -10.05 -5.20
N VAL B 64 17.51 -9.20 -5.44
CA VAL B 64 17.26 -7.82 -5.80
C VAL B 64 18.08 -7.47 -7.05
N THR B 65 17.43 -6.97 -8.09
CA THR B 65 18.08 -6.69 -9.37
C THR B 65 17.59 -5.34 -9.85
N GLN B 66 18.48 -4.42 -10.19
CA GLN B 66 18.03 -3.14 -10.71
C GLN B 66 17.85 -3.22 -12.21
N VAL B 67 16.73 -2.73 -12.72
CA VAL B 67 16.50 -2.61 -14.15
C VAL B 67 15.98 -1.21 -14.38
N GLY B 68 16.76 -0.39 -15.06
CA GLY B 68 16.41 1.00 -15.20
C GLY B 68 16.31 1.66 -13.83
N ASN B 69 15.27 2.44 -13.64
CA ASN B 69 15.04 3.15 -12.40
C ASN B 69 14.32 2.34 -11.34
N GLN B 70 14.09 1.06 -11.57
CA GLN B 70 13.40 0.23 -10.58
C GLN B 70 14.26 -0.88 -10.05
N LEU B 71 14.03 -1.25 -8.81
CA LEU B 71 14.45 -2.55 -8.34
C LEU B 71 13.35 -3.57 -8.57
N LYS B 72 13.77 -4.76 -8.98
CA LYS B 72 12.96 -5.94 -9.13
C LYS B 72 13.35 -6.87 -7.99
N VAL B 73 12.44 -7.04 -7.04
CA VAL B 73 12.65 -7.90 -5.88
C VAL B 73 11.92 -9.20 -6.17
N ARG B 74 12.68 -10.24 -6.43
CA ARG B 74 12.14 -11.57 -6.71
C ARG B 74 11.95 -12.24 -5.36
N ILE B 75 10.76 -12.79 -5.12
CA ILE B 75 10.37 -13.45 -3.88
C ILE B 75 10.10 -14.88 -4.29
N PHE B 76 10.86 -15.86 -3.81
CA PHE B 76 10.82 -17.18 -4.40
C PHE B 76 11.24 -18.23 -3.42
N GLY B 77 11.06 -19.49 -3.81
CA GLY B 77 11.55 -20.59 -3.00
C GLY B 77 10.79 -21.84 -3.30
N ASN B 78 11.05 -22.83 -2.45
N ASN B 78 11.03 -22.86 -2.48
CA ASN B 78 10.36 -24.11 -2.44
CA ASN B 78 10.26 -24.09 -2.53
C ASN B 78 9.66 -24.23 -1.09
C ASN B 78 9.69 -24.35 -1.15
N VAL B 79 8.38 -24.55 -1.09
CA VAL B 79 7.68 -24.72 0.16
C VAL B 79 7.77 -26.17 0.60
N PRO B 80 8.31 -26.44 1.80
CA PRO B 80 8.35 -27.84 2.26
C PRO B 80 6.94 -28.42 2.34
N ILE B 81 6.82 -29.69 1.97
CA ILE B 81 5.51 -30.35 1.88
C ILE B 81 4.78 -30.35 3.23
N ASP B 82 5.52 -30.23 4.32
CA ASP B 82 4.95 -30.33 5.67
C ASP B 82 4.93 -29.00 6.44
N THR B 83 5.08 -27.89 5.72
CA THR B 83 4.95 -26.57 6.33
C THR B 83 3.56 -26.36 6.87
N THR B 84 3.44 -25.51 7.88
CA THR B 84 2.13 -25.17 8.44
C THR B 84 1.36 -24.25 7.49
N ILE B 85 0.15 -24.63 7.12
CA ILE B 85 -0.66 -23.77 6.27
C ILE B 85 -1.20 -22.59 7.04
N GLY B 86 -1.49 -21.52 6.33
CA GLY B 86 -2.01 -20.33 6.92
C GLY B 86 -1.33 -19.08 6.40
N ASP B 87 -1.44 -18.00 7.16
CA ASP B 87 -1.02 -16.67 6.73
C ASP B 87 0.21 -16.21 7.49
N TYR B 88 1.08 -15.48 6.81
CA TYR B 88 2.31 -14.99 7.42
C TYR B 88 2.60 -13.59 6.91
N THR B 89 2.64 -12.61 7.79
CA THR B 89 2.89 -11.24 7.40
C THR B 89 4.38 -11.06 7.21
N ARG B 90 4.79 -10.53 6.06
CA ARG B 90 6.18 -10.32 5.75
C ARG B 90 6.33 -8.96 5.11
N TYR B 91 7.57 -8.54 4.87
CA TYR B 91 7.88 -7.16 4.53
C TYR B 91 8.97 -7.11 3.48
N VAL B 92 8.74 -6.28 2.47
CA VAL B 92 9.81 -5.84 1.60
C VAL B 92 10.31 -4.51 2.14
N VAL B 93 11.55 -4.47 2.61
CA VAL B 93 12.12 -3.23 3.13
C VAL B 93 13.21 -2.79 2.19
N ALA B 94 13.03 -1.64 1.57
CA ALA B 94 13.95 -1.12 0.57
C ALA B 94 14.67 0.11 1.10
N THR B 95 15.91 0.28 0.64
CA THR B 95 16.77 1.38 1.05
C THR B 95 17.26 2.08 -0.18
N ASP B 96 17.14 3.40 -0.23
CA ASP B 96 17.73 4.15 -1.33
C ASP B 96 19.21 4.43 -1.08
N ALA B 97 19.88 5.00 -2.08
CA ALA B 97 21.33 5.17 -1.98
C ALA B 97 21.70 6.07 -0.80
N ALA B 98 20.79 7.00 -0.47
CA ALA B 98 21.01 7.93 0.64
C ALA B 98 20.75 7.34 2.01
N GLY B 99 20.21 6.13 2.06
CA GLY B 99 19.95 5.44 3.31
C GLY B 99 18.51 5.57 3.83
N ASN B 100 17.64 6.23 3.08
CA ASN B 100 16.23 6.29 3.46
C ASN B 100 15.57 4.94 3.23
N VAL B 101 14.65 4.56 4.10
CA VAL B 101 13.96 3.27 4.02
C VAL B 101 12.46 3.48 3.90
N ASN B 102 11.77 2.57 3.23
CA ASN B 102 10.32 2.67 3.16
C ASN B 102 9.64 2.45 4.49
N ALA B 103 10.18 1.59 5.34
CA ALA B 103 9.58 1.30 6.64
C ALA B 103 10.69 1.02 7.61
N THR B 104 10.61 1.68 8.77
CA THR B 104 11.55 1.45 9.86
C THR B 104 11.03 0.37 10.79
N GLN B 105 11.93 -0.09 11.64
CA GLN B 105 11.57 -1.14 12.58
C GLN B 105 10.46 -0.68 13.53
N THR B 106 10.57 0.55 14.02
CA THR B 106 9.60 1.08 14.93
C THR B 106 8.24 1.20 14.22
N GLU B 107 8.25 1.62 12.96
CA GLU B 107 7.00 1.75 12.21
C GLU B 107 6.33 0.43 12.00
N MET B 108 7.14 -0.58 11.67
CA MET B 108 6.61 -1.91 11.50
CA MET B 108 6.61 -1.93 11.52
C MET B 108 5.96 -2.43 12.79
N GLY B 109 6.64 -2.24 13.91
CA GLY B 109 6.10 -2.70 15.20
C GLY B 109 4.79 -2.00 15.56
N ASN B 110 4.76 -0.69 15.36
CA ASN B 110 3.54 0.05 15.70
C ASN B 110 2.38 -0.31 14.77
N ALA B 111 2.65 -0.54 13.48
CA ALA B 111 1.61 -0.97 12.59
C ALA B 111 1.06 -2.35 13.01
N ALA B 112 1.98 -3.23 13.46
CA ALA B 112 1.60 -4.56 13.90
C ALA B 112 0.67 -4.47 15.12
N VAL B 113 1.02 -3.64 16.10
CA VAL B 113 0.14 -3.53 17.27
C VAL B 113 -1.25 -3.06 16.87
N ASP B 114 -1.32 -2.07 15.95
CA ASP B 114 -2.54 -1.38 15.55
C ASP B 114 -3.27 -2.14 14.43
N LYS B 115 -2.76 -3.32 14.02
CA LYS B 115 -3.38 -4.14 12.98
C LYS B 115 -3.52 -3.41 11.65
N THR B 116 -2.48 -2.67 11.32
CA THR B 116 -2.48 -1.95 10.06
C THR B 116 -1.24 -2.33 9.27
N SER B 117 -0.93 -1.53 8.26
CA SER B 117 0.14 -1.91 7.34
C SER B 117 1.05 -0.77 7.07
N VAL B 118 2.27 -1.14 6.71
CA VAL B 118 3.27 -0.21 6.20
C VAL B 118 3.51 -0.51 4.71
N ASN B 119 4.07 0.47 4.01
CA ASN B 119 4.48 0.24 2.63
C ASN B 119 5.41 -0.97 2.56
N GLY B 120 5.14 -1.89 1.62
CA GLY B 120 5.95 -3.06 1.43
C GLY B 120 5.52 -4.28 2.21
N GLN B 121 4.55 -4.13 3.11
CA GLN B 121 4.03 -5.26 3.83
C GLN B 121 3.14 -6.10 2.94
N PHE B 122 3.19 -7.42 3.09
CA PHE B 122 2.34 -8.31 2.34
C PHE B 122 2.03 -9.54 3.15
N LYS B 123 0.98 -10.22 2.75
CA LYS B 123 0.55 -11.47 3.37
C LYS B 123 0.97 -12.64 2.50
N LEU B 124 1.78 -13.53 3.04
CA LEU B 124 2.16 -14.77 2.42
C LEU B 124 1.19 -15.85 2.87
N ILE B 125 0.44 -16.40 1.93
CA ILE B 125 -0.56 -17.40 2.23
C ILE B 125 -0.02 -18.74 1.79
N ILE B 126 0.02 -19.69 2.70
CA ILE B 126 0.46 -21.04 2.37
C ILE B 126 -0.76 -21.95 2.37
N ARG B 127 -0.91 -22.66 1.25
CA ARG B 127 -1.97 -23.66 1.06
C ARG B 127 -1.36 -25.03 0.91
#